data_7MWU
#
_entry.id   7MWU
#
_cell.length_a   73.083
_cell.length_b   141.818
_cell.length_c   146.639
_cell.angle_alpha   90.000
_cell.angle_beta   90.000
_cell.angle_gamma   90.000
#
_symmetry.space_group_name_H-M   'I 2 2 2'
#
loop_
_entity.id
_entity.type
_entity.pdbx_description
1 polymer 'Bifunctional protein PutA'
2 non-polymer 'FLAVIN-ADENINE DINUCLEOTIDE'
3 non-polymer 'cyclobutanecarboxylic acid'
4 non-polymer 'TRIETHYLENE GLYCOL'
5 non-polymer 'PENTAETHYLENE GLYCOL'
6 water water
#
_entity_poly.entity_id   1
_entity_poly.type   'polypeptide(L)'
_entity_poly.pdbx_seq_one_letter_code
;LPQSVSRAAITAAYRRPETEAVSMLLEQARLPQPVAEQAHKLAYQLADKLRNQKNASGRAGMVQGLLQEFSLSSQEGVAL
MCLAEALLRIPDKATRDALIRDKISNGNWQSHIGRSPSLFVNAATWGLLFTGKLVSTHNEASLSRSLNRIIGKSGEPLIR
KGVDMAMRLMGEQFVTGETIAEALANARKLEEKGFRYSYDMLGEAALTAADAQAYMVSYQQAIHAIGKASNGRGIYEGPG
ISIKLSALHPRYSRAQYDRVMEELYPRLKSLTLLARQYDIGINIDAEESDRLEISLDLLEKLCFEPELAGWNGIGFVIQA
YQKRCPLVIDYLIDLATRSRRRLMIRLVKGAYWDSEIKRAQMDGLEGYPVYTRKVYTDVSYLACAKKLLAVPNLIYPQFA
THNAHTLAAIYQLAGQNYYPGQYEFQCLHGMGEPLYEQVTGKVADGKLNRPCRIYAPVGTHETLLAYLVRRLLENGANTS
FVNRIADTSLPLDELVADPVTAVEKLAQQEGQTGLPHPKIPLPRDLYGHGRDNSAGLDLANEHRLHHHHHH
;
_entity_poly.pdbx_strand_id   A
#
# COMPACT_ATOMS: atom_id res chain seq x y z
N GLN A 3 -17.67 -4.99 -28.42
CA GLN A 3 -16.53 -4.48 -27.67
C GLN A 3 -15.37 -4.10 -28.59
N SER A 4 -14.59 -3.10 -28.18
CA SER A 4 -13.39 -2.77 -28.91
C SER A 4 -12.34 -3.86 -28.73
N VAL A 5 -11.25 -3.76 -29.50
CA VAL A 5 -10.22 -4.77 -29.46
C VAL A 5 -9.58 -4.83 -28.07
N SER A 6 -9.23 -3.67 -27.51
CA SER A 6 -8.59 -3.69 -26.20
C SER A 6 -9.56 -4.10 -25.10
N ARG A 7 -10.83 -3.68 -25.20
CA ARG A 7 -11.82 -4.08 -24.19
C ARG A 7 -12.10 -5.58 -24.26
N ALA A 8 -12.16 -6.15 -25.47
CA ALA A 8 -12.40 -7.58 -25.61
C ALA A 8 -11.28 -8.38 -24.96
N ALA A 9 -10.03 -7.92 -25.11
CA ALA A 9 -8.91 -8.65 -24.54
C ALA A 9 -8.97 -8.64 -23.02
N ILE A 10 -9.43 -7.53 -22.43
CA ILE A 10 -9.61 -7.49 -20.98
C ILE A 10 -10.57 -8.58 -20.54
N THR A 11 -11.74 -8.66 -21.17
CA THR A 11 -12.74 -9.64 -20.77
C THR A 11 -12.21 -11.06 -20.88
N ALA A 12 -11.44 -11.35 -21.93
CA ALA A 12 -10.93 -12.70 -22.13
C ALA A 12 -9.95 -13.11 -21.04
N ALA A 13 -9.21 -12.16 -20.45
CA ALA A 13 -8.21 -12.49 -19.45
C ALA A 13 -8.75 -12.57 -18.02
N TYR A 14 -10.04 -12.27 -17.82
CA TYR A 14 -10.64 -12.14 -16.50
C TYR A 14 -10.11 -13.17 -15.49
N ARG A 15 -10.29 -14.46 -15.80
CA ARG A 15 -9.82 -15.53 -14.91
C ARG A 15 -8.87 -16.49 -15.63
N ARG A 16 -7.92 -15.93 -16.37
CA ARG A 16 -6.94 -16.73 -17.10
C ARG A 16 -6.21 -17.67 -16.14
N PRO A 17 -6.01 -18.93 -16.53
CA PRO A 17 -5.28 -19.86 -15.66
C PRO A 17 -3.92 -19.31 -15.26
N GLU A 18 -3.53 -19.63 -14.03
CA GLU A 18 -2.39 -18.95 -13.42
C GLU A 18 -1.08 -19.37 -14.10
N THR A 19 -0.96 -20.62 -14.51
CA THR A 19 0.25 -21.03 -15.22
C THR A 19 0.43 -20.20 -16.49
N GLU A 20 -0.68 -19.99 -17.21
CA GLU A 20 -0.64 -19.23 -18.45
C GLU A 20 -0.32 -17.76 -18.18
N ALA A 21 -0.98 -17.17 -17.19
CA ALA A 21 -0.81 -15.74 -16.94
C ALA A 21 0.61 -15.44 -16.44
N VAL A 22 1.14 -16.27 -15.54
CA VAL A 22 2.47 -16.02 -15.01
C VAL A 22 3.52 -16.24 -16.09
N SER A 23 3.35 -17.30 -16.88
CA SER A 23 4.30 -17.60 -17.95
C SER A 23 4.41 -16.46 -18.95
N MET A 24 3.28 -15.79 -19.22
CA MET A 24 3.28 -14.69 -20.20
C MET A 24 3.96 -13.45 -19.65
N LEU A 25 3.93 -13.25 -18.34
CA LEU A 25 4.48 -12.03 -17.77
C LEU A 25 5.97 -12.12 -17.46
N LEU A 26 6.52 -13.34 -17.40
CA LEU A 26 7.86 -13.52 -16.85
C LEU A 26 8.90 -12.72 -17.61
N GLU A 27 8.92 -12.86 -18.94
CA GLU A 27 9.93 -12.13 -19.71
C GLU A 27 9.67 -10.62 -19.74
N GLN A 28 8.40 -10.21 -19.64
CA GLN A 28 8.12 -8.78 -19.52
C GLN A 28 8.57 -8.21 -18.18
N ALA A 29 8.65 -9.03 -17.14
CA ALA A 29 9.05 -8.53 -15.83
C ALA A 29 10.55 -8.65 -15.56
N ARG A 30 11.26 -9.40 -16.38
CA ARG A 30 12.66 -9.73 -16.08
C ARG A 30 13.54 -8.50 -16.21
N LEU A 31 14.27 -8.15 -15.15
CA LEU A 31 15.21 -7.04 -15.22
C LEU A 31 16.50 -7.48 -15.91
N PRO A 32 16.99 -6.72 -16.89
CA PRO A 32 18.31 -7.02 -17.46
C PRO A 32 19.36 -7.11 -16.36
N GLN A 33 20.30 -8.04 -16.54
CA GLN A 33 21.28 -8.37 -15.51
C GLN A 33 21.94 -7.15 -14.86
N PRO A 34 22.43 -6.14 -15.59
CA PRO A 34 23.03 -5.00 -14.89
C PRO A 34 22.01 -4.17 -14.14
N VAL A 35 20.80 -4.02 -14.69
CA VAL A 35 19.72 -3.34 -13.99
C VAL A 35 19.34 -4.12 -12.73
N ALA A 36 19.23 -5.45 -12.84
CA ALA A 36 18.93 -6.28 -11.68
C ALA A 36 19.96 -6.09 -10.58
N GLU A 37 21.23 -5.99 -10.95
CA GLU A 37 22.28 -5.84 -9.95
C GLU A 37 22.18 -4.50 -9.23
N GLN A 38 21.93 -3.43 -9.99
CA GLN A 38 21.73 -2.13 -9.36
C GLN A 38 20.49 -2.13 -8.49
N ALA A 39 19.40 -2.74 -8.96
CA ALA A 39 18.19 -2.80 -8.15
C ALA A 39 18.44 -3.55 -6.85
N HIS A 40 19.18 -4.66 -6.93
CA HIS A 40 19.45 -5.43 -5.72
C HIS A 40 20.23 -4.63 -4.70
N LYS A 41 21.28 -3.92 -5.14
CA LYS A 41 22.10 -3.14 -4.22
C LYS A 41 21.30 -2.03 -3.56
N LEU A 42 20.52 -1.29 -4.34
CA LEU A 42 19.71 -0.22 -3.78
C LEU A 42 18.65 -0.78 -2.83
N ALA A 43 17.99 -1.86 -3.23
CA ALA A 43 16.98 -2.49 -2.37
C ALA A 43 17.60 -2.94 -1.05
N TYR A 44 18.74 -3.62 -1.12
CA TYR A 44 19.45 -4.02 0.09
C TYR A 44 19.76 -2.82 0.97
N GLN A 45 20.28 -1.75 0.35
CA GLN A 45 20.63 -0.53 1.08
C GLN A 45 19.43 0.06 1.79
N LEU A 46 18.32 0.23 1.07
CA LEU A 46 17.12 0.81 1.65
C LEU A 46 16.61 -0.06 2.80
N ALA A 47 16.57 -1.37 2.58
CA ALA A 47 16.03 -2.26 3.60
C ALA A 47 16.93 -2.33 4.83
N ASP A 48 18.25 -2.22 4.63
CA ASP A 48 19.19 -2.24 5.75
C ASP A 48 18.94 -1.04 6.66
N LYS A 49 18.83 0.15 6.09
CA LYS A 49 18.59 1.35 6.90
C LYS A 49 17.24 1.30 7.59
N LEU A 50 16.24 0.68 6.94
CA LEU A 50 14.94 0.48 7.56
C LEU A 50 15.08 -0.37 8.82
N ARG A 51 15.56 -1.60 8.67
CA ARG A 51 15.71 -2.51 9.80
C ARG A 51 16.54 -1.87 10.90
N ASN A 52 17.65 -1.24 10.53
CA ASN A 52 18.69 -0.89 11.47
C ASN A 52 18.70 0.59 11.82
N GLN A 53 17.57 1.27 11.63
CA GLN A 53 17.37 2.54 12.30
C GLN A 53 17.39 2.32 13.81
N LYS A 54 18.11 3.19 14.51
CA LYS A 54 18.38 3.03 15.94
C LYS A 54 19.18 1.76 16.24
N ASN A 55 19.86 1.22 15.22
CA ASN A 55 20.82 0.13 15.37
C ASN A 55 20.16 -1.15 15.89
N ALA A 56 19.05 -1.53 15.26
CA ALA A 56 18.32 -2.72 15.72
C ALA A 56 19.14 -3.99 15.56
N SER A 57 19.80 -4.17 14.41
CA SER A 57 20.57 -5.40 14.20
C SER A 57 21.87 -5.39 14.99
N GLY A 58 22.61 -4.28 14.94
CA GLY A 58 23.87 -4.22 15.67
C GLY A 58 23.70 -4.45 17.16
N ARG A 59 22.64 -3.88 17.73
CA ARG A 59 22.36 -4.10 19.14
C ARG A 59 22.00 -5.56 19.40
N ALA A 60 21.15 -6.13 18.54
CA ALA A 60 20.82 -7.55 18.66
C ALA A 60 22.06 -8.43 18.49
N GLY A 61 23.00 -8.01 17.64
CA GLY A 61 24.24 -8.77 17.50
C GLY A 61 25.03 -8.82 18.79
N MET A 62 25.28 -7.65 19.39
CA MET A 62 25.99 -7.61 20.66
C MET A 62 25.27 -8.41 21.74
N VAL A 63 23.94 -8.51 21.65
CA VAL A 63 23.18 -9.28 22.62
C VAL A 63 23.52 -10.76 22.51
N GLN A 64 23.32 -11.33 21.31
CA GLN A 64 23.54 -12.77 21.14
C GLN A 64 25.00 -13.15 21.37
N GLY A 65 25.93 -12.24 21.09
CA GLY A 65 27.33 -12.53 21.32
C GLY A 65 27.64 -12.84 22.78
N LEU A 66 26.99 -12.13 23.70
CA LEU A 66 27.16 -12.41 25.11
C LEU A 66 26.32 -13.59 25.58
N LEU A 67 25.28 -13.96 24.81
CA LEU A 67 24.55 -15.19 25.11
C LEU A 67 25.42 -16.42 24.88
N GLN A 68 26.48 -16.29 24.08
CA GLN A 68 27.39 -17.40 23.78
C GLN A 68 28.54 -17.47 24.79
N GLU A 69 29.27 -16.35 24.95
CA GLU A 69 30.49 -16.36 25.76
C GLU A 69 30.24 -16.90 27.16
N PHE A 70 29.08 -16.61 27.74
CA PHE A 70 28.73 -17.10 29.06
C PHE A 70 27.85 -18.34 29.03
N SER A 71 27.39 -18.76 27.85
CA SER A 71 26.52 -19.93 27.70
C SER A 71 25.27 -19.79 28.58
N LEU A 72 24.51 -18.74 28.31
CA LEU A 72 23.32 -18.40 29.08
C LEU A 72 22.08 -18.41 28.19
N SER A 73 20.92 -18.57 28.83
CA SER A 73 19.65 -18.58 28.14
C SER A 73 19.16 -17.14 27.91
N SER A 74 18.03 -17.02 27.21
CA SER A 74 17.44 -15.70 27.01
C SER A 74 16.90 -15.14 28.32
N GLN A 75 16.17 -15.96 29.07
CA GLN A 75 15.72 -15.54 30.40
C GLN A 75 16.90 -15.28 31.32
N GLU A 76 18.02 -15.98 31.11
CA GLU A 76 19.22 -15.70 31.88
C GLU A 76 19.83 -14.36 31.50
N GLY A 77 19.84 -14.03 30.20
CA GLY A 77 20.43 -12.77 29.78
C GLY A 77 19.67 -11.56 30.30
N VAL A 78 18.34 -11.63 30.30
CA VAL A 78 17.53 -10.50 30.73
C VAL A 78 17.76 -10.21 32.20
N ALA A 79 17.74 -11.26 33.04
CA ALA A 79 17.97 -11.05 34.47
C ALA A 79 19.36 -10.48 34.74
N LEU A 80 20.34 -10.86 33.92
CA LEU A 80 21.68 -10.29 34.09
C LEU A 80 21.68 -8.80 33.75
N MET A 81 20.94 -8.40 32.72
CA MET A 81 20.89 -6.99 32.36
C MET A 81 20.21 -6.17 33.44
N CYS A 82 19.16 -6.71 34.05
CA CYS A 82 18.47 -6.01 35.13
C CYS A 82 19.41 -5.74 36.30
N LEU A 83 20.20 -6.76 36.68
CA LEU A 83 21.22 -6.55 37.71
C LEU A 83 22.26 -5.54 37.25
N ALA A 84 22.75 -5.69 36.02
CA ALA A 84 23.70 -4.73 35.47
C ALA A 84 23.15 -3.31 35.52
N GLU A 85 21.88 -3.14 35.16
CA GLU A 85 21.24 -1.83 35.21
C GLU A 85 21.21 -1.30 36.64
N ALA A 86 20.85 -2.15 37.61
CA ALA A 86 20.80 -1.69 39.00
C ALA A 86 22.18 -1.37 39.53
N LEU A 87 23.22 -2.05 39.04
CA LEU A 87 24.58 -1.74 39.48
C LEU A 87 25.02 -0.39 38.93
N LEU A 88 24.69 -0.12 37.67
CA LEU A 88 25.03 1.15 37.05
C LEU A 88 24.32 2.34 37.69
N ARG A 89 23.29 2.10 38.50
CA ARG A 89 22.60 3.19 39.20
C ARG A 89 23.22 3.51 40.54
N ILE A 90 24.22 2.75 40.99
CA ILE A 90 25.00 3.11 42.17
C ILE A 90 25.91 4.26 41.78
N PRO A 91 25.82 5.42 42.45
CA PRO A 91 26.48 6.62 41.91
C PRO A 91 27.99 6.53 41.86
N ASP A 92 28.62 6.00 42.89
CA ASP A 92 30.08 6.03 43.01
C ASP A 92 30.66 4.67 42.63
N LYS A 93 31.68 4.69 41.78
CA LYS A 93 32.21 3.45 41.24
C LYS A 93 32.88 2.60 42.31
N ALA A 94 33.53 3.22 43.30
CA ALA A 94 34.15 2.44 44.36
C ALA A 94 33.12 1.62 45.12
N THR A 95 31.94 2.21 45.38
CA THR A 95 30.88 1.47 46.05
C THR A 95 30.37 0.34 45.16
N ARG A 96 30.20 0.61 43.86
CA ARG A 96 29.72 -0.39 42.92
C ARG A 96 30.69 -1.57 42.83
N ASP A 97 31.99 -1.29 42.69
CA ASP A 97 32.97 -2.36 42.57
C ASP A 97 33.06 -3.17 43.86
N ALA A 98 33.06 -2.50 45.01
CA ALA A 98 33.17 -3.20 46.29
C ALA A 98 31.94 -4.08 46.53
N LEU A 99 30.77 -3.67 46.04
CA LEU A 99 29.60 -4.51 46.15
C LEU A 99 29.76 -5.77 45.29
N ILE A 100 30.31 -5.63 44.09
CA ILE A 100 30.49 -6.77 43.21
C ILE A 100 31.52 -7.75 43.79
N ARG A 101 32.62 -7.23 44.33
CA ARG A 101 33.69 -8.10 44.81
C ARG A 101 33.30 -8.80 46.11
N ASP A 102 32.68 -8.08 47.05
CA ASP A 102 32.44 -8.61 48.38
C ASP A 102 31.10 -9.35 48.47
N LYS A 103 30.00 -8.67 48.17
CA LYS A 103 28.68 -9.24 48.43
C LYS A 103 28.23 -10.20 47.35
N ILE A 104 28.84 -10.19 46.17
CA ILE A 104 28.50 -11.17 45.15
C ILE A 104 29.76 -11.77 44.54
N LEU A 119 13.86 -4.90 41.40
CA LEU A 119 15.13 -5.22 40.73
C LEU A 119 14.90 -5.39 39.25
N PHE A 120 14.03 -6.33 38.90
CA PHE A 120 13.70 -6.63 37.50
C PHE A 120 12.59 -5.73 36.99
N VAL A 121 12.57 -4.47 37.39
CA VAL A 121 11.48 -3.58 37.02
C VAL A 121 11.39 -3.44 35.49
N ASN A 122 12.53 -3.14 34.85
CA ASN A 122 12.58 -2.96 33.40
C ASN A 122 12.92 -4.26 32.67
N ALA A 123 12.60 -5.40 33.26
CA ALA A 123 12.88 -6.68 32.60
C ALA A 123 12.15 -6.78 31.27
N ALA A 124 10.93 -6.23 31.21
CA ALA A 124 10.17 -6.26 29.96
C ALA A 124 10.91 -5.53 28.84
N THR A 125 11.49 -4.37 29.15
CA THR A 125 12.23 -3.63 28.13
C THR A 125 13.47 -4.38 27.68
N TRP A 126 14.21 -4.96 28.63
CA TRP A 126 15.37 -5.77 28.27
C TRP A 126 14.95 -7.00 27.48
N GLY A 127 13.82 -7.61 27.84
CA GLY A 127 13.34 -8.76 27.12
C GLY A 127 13.06 -8.47 25.66
N LEU A 128 12.68 -7.21 25.36
CA LEU A 128 12.47 -6.83 23.97
C LEU A 128 13.77 -6.91 23.17
N LEU A 129 14.91 -6.71 23.82
CA LEU A 129 16.19 -6.88 23.15
C LEU A 129 16.56 -8.34 22.96
N PHE A 130 16.00 -9.24 23.77
CA PHE A 130 16.31 -10.66 23.69
C PHE A 130 15.07 -11.47 23.31
N ALA A 141 -2.64 -16.66 29.09
CA ALA A 141 -2.99 -17.92 29.72
C ALA A 141 -4.26 -17.77 30.56
N SER A 142 -4.16 -17.04 31.67
CA SER A 142 -5.33 -16.78 32.48
C SER A 142 -6.20 -15.65 31.92
N LEU A 143 -5.72 -14.95 30.89
CA LEU A 143 -6.54 -13.93 30.25
C LEU A 143 -7.78 -14.55 29.59
N SER A 144 -7.69 -15.84 29.21
CA SER A 144 -8.86 -16.53 28.69
C SER A 144 -9.95 -16.64 29.75
N ARG A 145 -9.56 -16.83 31.01
CA ARG A 145 -10.53 -16.82 32.09
C ARG A 145 -11.19 -15.46 32.25
N SER A 146 -10.39 -14.39 32.24
CA SER A 146 -10.94 -13.04 32.34
C SER A 146 -11.83 -12.71 31.14
N LEU A 147 -11.52 -13.29 29.97
CA LEU A 147 -12.34 -13.06 28.79
C LEU A 147 -13.64 -13.84 28.84
N ASN A 148 -13.58 -15.12 29.19
CA ASN A 148 -14.79 -15.93 29.32
C ASN A 148 -15.70 -15.36 30.40
N ARG A 149 -15.13 -14.89 31.50
CA ARG A 149 -15.93 -14.30 32.57
C ARG A 149 -16.61 -13.02 32.09
N ILE A 150 -15.85 -12.11 31.48
CA ILE A 150 -16.40 -10.81 31.11
C ILE A 150 -17.46 -10.96 30.02
N ILE A 151 -17.27 -11.90 29.10
CA ILE A 151 -18.20 -12.06 27.98
C ILE A 151 -19.57 -12.48 28.49
N GLY A 152 -19.64 -13.58 29.23
CA GLY A 152 -20.92 -14.06 29.71
C GLY A 152 -21.68 -13.03 30.52
N LYS A 153 -20.97 -12.18 31.25
CA LYS A 153 -21.64 -11.18 32.08
C LYS A 153 -22.23 -10.05 31.23
N SER A 154 -21.48 -9.57 30.24
CA SER A 154 -21.85 -8.36 29.53
C SER A 154 -22.31 -8.58 28.09
N GLY A 155 -21.98 -9.71 27.47
CA GLY A 155 -22.57 -10.08 26.19
C GLY A 155 -22.16 -9.23 25.00
N GLU A 156 -23.02 -9.25 23.97
CA GLU A 156 -22.72 -8.58 22.72
C GLU A 156 -22.46 -7.08 22.84
N PRO A 157 -23.21 -6.30 23.63
CA PRO A 157 -22.89 -4.86 23.72
C PRO A 157 -21.47 -4.60 24.18
N LEU A 158 -20.89 -5.49 24.99
CA LEU A 158 -19.50 -5.33 25.41
C LEU A 158 -18.56 -5.57 24.24
N ILE A 159 -18.73 -6.70 23.54
CA ILE A 159 -17.87 -7.01 22.39
C ILE A 159 -17.98 -5.91 21.34
N ARG A 160 -19.19 -5.36 21.17
CA ARG A 160 -19.39 -4.32 20.16
C ARG A 160 -18.62 -3.05 20.51
N LYS A 161 -18.56 -2.69 21.79
CA LYS A 161 -17.78 -1.53 22.19
C LYS A 161 -16.28 -1.80 22.08
N GLY A 162 -15.84 -3.01 22.45
CA GLY A 162 -14.43 -3.34 22.35
C GLY A 162 -13.93 -3.35 20.91
N VAL A 163 -14.77 -3.81 19.99
CA VAL A 163 -14.41 -3.75 18.59
C VAL A 163 -14.30 -2.30 18.13
N ASP A 164 -15.23 -1.44 18.56
CA ASP A 164 -15.17 -0.04 18.20
C ASP A 164 -13.93 0.64 18.79
N MET A 165 -13.63 0.33 20.06
CA MET A 165 -12.47 0.94 20.72
C MET A 165 -11.18 0.50 20.05
N ALA A 166 -11.03 -0.81 19.81
CA ALA A 166 -9.83 -1.31 19.16
C ALA A 166 -9.67 -0.72 17.77
N MET A 167 -10.77 -0.57 17.02
CA MET A 167 -10.69 0.03 15.70
C MET A 167 -10.16 1.46 15.77
N ARG A 168 -10.64 2.25 16.73
CA ARG A 168 -10.17 3.63 16.86
C ARG A 168 -8.70 3.68 17.26
N LEU A 169 -8.30 2.83 18.19
CA LEU A 169 -6.95 2.87 18.72
C LEU A 169 -5.95 2.43 17.65
N MET A 170 -6.22 1.31 16.98
CA MET A 170 -5.32 0.86 15.93
C MET A 170 -5.41 1.75 14.70
N GLY A 171 -6.54 2.44 14.50
CA GLY A 171 -6.73 3.20 13.29
C GLY A 171 -6.11 4.58 13.31
N GLU A 172 -5.81 5.12 14.50
CA GLU A 172 -5.30 6.48 14.59
C GLU A 172 -4.07 6.70 13.73
N GLN A 173 -3.17 5.70 13.70
CA GLN A 173 -1.90 5.88 12.98
C GLN A 173 -2.11 6.03 11.47
N PHE A 174 -3.25 5.61 10.94
CA PHE A 174 -3.48 5.65 9.50
C PHE A 174 -4.31 6.85 9.05
N VAL A 175 -4.75 7.70 9.98
CA VAL A 175 -5.65 8.81 9.66
C VAL A 175 -4.90 10.12 9.86
N THR A 176 -5.01 11.02 8.87
CA THR A 176 -4.28 12.28 8.95
C THR A 176 -5.04 13.38 9.67
N GLY A 177 -6.35 13.29 9.74
CA GLY A 177 -7.13 14.29 10.44
C GLY A 177 -8.60 13.91 10.38
N GLU A 178 -9.38 14.54 11.28
CA GLU A 178 -10.81 14.27 11.33
C GLU A 178 -11.57 15.04 10.27
N THR A 179 -11.06 16.21 9.86
CA THR A 179 -11.68 17.05 8.85
C THR A 179 -10.60 17.47 7.86
N ILE A 180 -11.04 17.89 6.67
CA ILE A 180 -10.05 18.21 5.62
C ILE A 180 -9.24 19.43 6.03
N ALA A 181 -9.84 20.36 6.77
CA ALA A 181 -9.09 21.53 7.22
C ALA A 181 -7.93 21.15 8.13
N GLU A 182 -8.18 20.22 9.05
CA GLU A 182 -7.14 19.77 9.97
C GLU A 182 -6.01 19.08 9.21
N ALA A 183 -6.36 18.18 8.29
CA ALA A 183 -5.34 17.50 7.48
C ALA A 183 -4.54 18.50 6.66
N LEU A 184 -5.24 19.42 5.97
CA LEU A 184 -4.55 20.39 5.12
C LEU A 184 -3.60 21.26 5.94
N ALA A 185 -4.00 21.59 7.18
CA ALA A 185 -3.19 22.46 8.03
C ALA A 185 -1.87 21.81 8.42
N ASN A 186 -1.73 20.50 8.22
CA ASN A 186 -0.51 19.78 8.56
C ASN A 186 0.36 19.49 7.35
N ALA A 187 -0.01 19.96 6.16
CA ALA A 187 0.63 19.48 4.94
C ALA A 187 2.03 20.07 4.73
N ARG A 188 2.28 21.28 5.23
CA ARG A 188 3.49 22.01 4.84
C ARG A 188 4.76 21.27 5.26
N LYS A 189 4.75 20.67 6.46
CA LYS A 189 5.95 20.05 7.01
C LYS A 189 6.59 19.10 6.01
N LEU A 190 5.81 18.15 5.47
CA LEU A 190 6.35 17.23 4.50
C LEU A 190 6.35 17.79 3.07
N GLU A 191 5.40 18.67 2.75
CA GLU A 191 5.39 19.25 1.41
C GLU A 191 6.64 20.09 1.16
N GLU A 192 7.13 20.76 2.20
CA GLU A 192 8.37 21.52 2.08
C GLU A 192 9.58 20.61 1.92
N LYS A 193 9.47 19.34 2.29
CA LYS A 193 10.54 18.38 2.06
C LYS A 193 10.44 17.69 0.71
N GLY A 194 9.43 18.06 -0.10
CA GLY A 194 9.26 17.47 -1.42
C GLY A 194 8.16 16.43 -1.53
N PHE A 195 7.41 16.18 -0.45
CA PHE A 195 6.29 15.24 -0.54
C PHE A 195 5.08 15.93 -1.16
N ARG A 196 4.18 15.11 -1.69
CA ARG A 196 2.88 15.55 -2.17
C ARG A 196 1.80 14.78 -1.41
N TYR A 197 0.54 15.21 -1.57
CA TYR A 197 -0.58 14.55 -0.90
C TYR A 197 -1.71 14.24 -1.87
N SER A 198 -2.43 13.16 -1.55
CA SER A 198 -3.74 12.86 -2.12
C SER A 198 -4.68 12.58 -0.96
N TYR A 199 -5.70 13.41 -0.77
CA TYR A 199 -6.59 13.29 0.37
C TYR A 199 -7.79 12.41 0.03
N ASP A 200 -8.16 11.54 0.98
CA ASP A 200 -9.29 10.65 0.84
C ASP A 200 -10.26 10.89 1.99
N MET A 201 -11.45 11.39 1.67
CA MET A 201 -12.54 11.44 2.65
C MET A 201 -13.05 10.03 2.86
N LEU A 202 -12.70 9.44 4.00
CA LEU A 202 -13.07 8.05 4.27
C LEU A 202 -14.57 7.82 4.14
N GLY A 203 -14.93 6.67 3.59
CA GLY A 203 -16.33 6.33 3.41
C GLY A 203 -16.49 5.61 2.09
N GLU A 204 -17.29 4.54 2.08
CA GLU A 204 -17.38 3.69 0.90
C GLU A 204 -18.62 2.83 1.04
N ALA A 205 -18.99 2.17 -0.05
CA ALA A 205 -20.09 1.22 -0.08
C ALA A 205 -21.37 1.82 0.49
N ALA A 206 -21.74 2.99 -0.03
CA ALA A 206 -22.99 3.62 0.38
C ALA A 206 -24.15 2.64 0.24
N LEU A 207 -24.92 2.51 1.30
CA LEU A 207 -26.06 1.59 1.25
C LEU A 207 -27.37 2.26 0.85
N THR A 208 -27.54 3.55 1.12
CA THR A 208 -28.78 4.24 0.85
C THR A 208 -28.52 5.47 -0.01
N ALA A 209 -29.60 6.01 -0.59
CA ALA A 209 -29.46 7.23 -1.37
C ALA A 209 -28.96 8.38 -0.52
N ALA A 210 -29.44 8.47 0.73
CA ALA A 210 -28.95 9.52 1.61
C ALA A 210 -27.46 9.38 1.87
N ASP A 211 -26.98 8.14 2.09
CA ASP A 211 -25.56 7.92 2.31
C ASP A 211 -24.73 8.46 1.16
N ALA A 212 -25.11 8.11 -0.07
CA ALA A 212 -24.32 8.50 -1.23
C ALA A 212 -24.36 10.01 -1.42
N GLN A 213 -25.49 10.63 -1.09
CA GLN A 213 -25.59 12.09 -1.13
C GLN A 213 -24.63 12.73 -0.15
N ALA A 214 -24.55 12.18 1.07
CA ALA A 214 -23.64 12.72 2.07
C ALA A 214 -22.18 12.60 1.61
N TYR A 215 -21.82 11.46 0.99
CA TYR A 215 -20.45 11.31 0.50
C TYR A 215 -20.17 12.31 -0.62
N MET A 216 -21.13 12.54 -1.50
CA MET A 216 -20.96 13.52 -2.57
C MET A 216 -20.67 14.90 -2.00
N VAL A 217 -21.44 15.31 -0.99
CA VAL A 217 -21.22 16.60 -0.35
C VAL A 217 -19.86 16.65 0.32
N SER A 218 -19.44 15.53 0.92
CA SER A 218 -18.14 15.50 1.59
C SER A 218 -17.01 15.62 0.57
N TYR A 219 -17.15 14.98 -0.59
CA TYR A 219 -16.12 15.10 -1.64
C TYR A 219 -16.06 16.51 -2.19
N GLN A 220 -17.22 17.13 -2.43
CA GLN A 220 -17.27 18.49 -2.95
C GLN A 220 -16.60 19.47 -2.00
N GLN A 221 -16.97 19.42 -0.71
CA GLN A 221 -16.33 20.26 0.29
C GLN A 221 -14.82 20.06 0.27
N ALA A 222 -14.37 18.82 0.16
CA ALA A 222 -12.93 18.53 0.17
C ALA A 222 -12.24 19.14 -1.04
N ILE A 223 -12.86 19.05 -2.22
CA ILE A 223 -12.22 19.59 -3.42
C ILE A 223 -12.05 21.10 -3.28
N HIS A 224 -13.09 21.81 -2.80
CA HIS A 224 -12.97 23.25 -2.58
C HIS A 224 -11.80 23.56 -1.64
N ALA A 225 -11.72 22.83 -0.52
CA ALA A 225 -10.66 23.06 0.46
C ALA A 225 -9.28 22.72 -0.09
N ILE A 226 -9.14 21.57 -0.76
CA ILE A 226 -7.84 21.18 -1.27
C ILE A 226 -7.40 22.12 -2.38
N GLY A 227 -8.36 22.52 -3.24
CA GLY A 227 -8.04 23.41 -4.34
C GLY A 227 -7.58 24.77 -3.88
N LYS A 228 -8.21 25.30 -2.82
CA LYS A 228 -7.79 26.59 -2.29
C LYS A 228 -6.41 26.49 -1.65
N ALA A 229 -6.14 25.39 -0.95
CA ALA A 229 -4.80 25.17 -0.42
C ALA A 229 -3.78 25.00 -1.53
N SER A 230 -4.12 24.24 -2.57
CA SER A 230 -3.23 24.06 -3.72
C SER A 230 -2.80 25.41 -4.29
N ASN A 231 -3.76 26.32 -4.48
CA ASN A 231 -3.46 27.71 -4.86
C ASN A 231 -2.67 27.79 -6.17
N GLY A 232 -3.06 26.96 -7.14
CA GLY A 232 -2.46 27.02 -8.46
C GLY A 232 -1.19 26.22 -8.66
N ARG A 233 -0.76 25.43 -7.67
CA ARG A 233 0.46 24.63 -7.79
C ARG A 233 0.35 23.54 -8.85
N GLY A 234 -0.87 23.15 -9.23
CA GLY A 234 -1.05 22.25 -10.34
C GLY A 234 -1.10 20.80 -9.93
N ILE A 235 -1.35 19.95 -10.93
CA ILE A 235 -1.69 18.55 -10.64
C ILE A 235 -0.48 17.71 -10.23
N TYR A 236 0.74 18.15 -10.53
CA TYR A 236 1.93 17.37 -10.16
C TYR A 236 2.44 17.77 -8.78
N GLU A 237 2.76 19.05 -8.60
CA GLU A 237 3.34 19.52 -7.35
C GLU A 237 2.28 19.68 -6.26
N GLY A 238 1.06 19.98 -6.62
CA GLY A 238 0.05 20.32 -5.64
C GLY A 238 -0.75 19.11 -5.22
N PRO A 239 -1.49 19.25 -4.13
CA PRO A 239 -2.29 18.14 -3.61
C PRO A 239 -3.43 17.77 -4.56
N GLY A 240 -3.91 16.53 -4.42
CA GLY A 240 -5.09 16.11 -5.14
C GLY A 240 -6.07 15.39 -4.23
N ILE A 241 -7.08 14.76 -4.81
CA ILE A 241 -8.09 14.04 -4.06
C ILE A 241 -8.25 12.65 -4.65
N SER A 242 -8.62 11.69 -3.81
CA SER A 242 -8.93 10.32 -4.21
C SER A 242 -10.37 10.02 -3.82
N ILE A 243 -11.13 9.41 -4.73
CA ILE A 243 -12.54 9.12 -4.50
C ILE A 243 -12.82 7.65 -4.77
N LYS A 244 -13.87 7.15 -4.13
CA LYS A 244 -14.33 5.78 -4.34
C LYS A 244 -15.70 5.82 -5.00
N LEU A 245 -15.81 5.20 -6.17
CA LEU A 245 -17.10 5.17 -6.86
C LEU A 245 -18.20 4.53 -6.01
N SER A 246 -17.86 3.54 -5.17
CA SER A 246 -18.88 2.90 -4.34
C SER A 246 -19.50 3.87 -3.34
N ALA A 247 -18.83 4.98 -3.04
CA ALA A 247 -19.38 5.97 -2.13
C ALA A 247 -20.45 6.83 -2.80
N LEU A 248 -20.47 6.89 -4.13
CA LEU A 248 -21.31 7.83 -4.87
C LEU A 248 -22.56 7.19 -5.45
N HIS A 249 -22.77 5.90 -5.23
CA HIS A 249 -23.95 5.25 -5.78
C HIS A 249 -24.43 4.20 -4.77
N PRO A 250 -25.69 4.22 -4.39
CA PRO A 250 -26.18 3.27 -3.38
C PRO A 250 -26.11 1.84 -3.91
N ARG A 251 -25.61 0.94 -3.07
CA ARG A 251 -25.57 -0.48 -3.43
C ARG A 251 -24.81 -0.68 -4.74
N TYR A 252 -23.69 0.03 -4.87
CA TYR A 252 -22.81 -0.05 -6.05
C TYR A 252 -22.41 -1.48 -6.36
N SER A 253 -22.27 -2.32 -5.32
CA SER A 253 -21.74 -3.67 -5.53
C SER A 253 -22.60 -4.49 -6.49
N ARG A 254 -23.90 -4.23 -6.57
CA ARG A 254 -24.75 -4.96 -7.50
C ARG A 254 -25.43 -4.05 -8.51
N ALA A 255 -24.94 -2.82 -8.67
CA ALA A 255 -25.65 -1.84 -9.48
C ALA A 255 -25.51 -2.16 -10.97
N GLN A 256 -26.59 -1.92 -11.71
CA GLN A 256 -26.63 -2.16 -13.14
C GLN A 256 -26.11 -0.96 -13.92
N TYR A 257 -25.61 -1.25 -15.14
CA TYR A 257 -25.00 -0.22 -15.98
C TYR A 257 -25.92 0.97 -16.18
N ASP A 258 -27.21 0.73 -16.46
CA ASP A 258 -28.10 1.83 -16.82
C ASP A 258 -28.23 2.84 -15.67
N ARG A 259 -28.43 2.34 -14.45
CA ARG A 259 -28.58 3.27 -13.33
C ARG A 259 -27.25 3.91 -12.95
N VAL A 260 -26.14 3.21 -13.16
CA VAL A 260 -24.85 3.82 -12.84
C VAL A 260 -24.57 4.99 -13.78
N MET A 261 -24.85 4.80 -15.07
CA MET A 261 -24.62 5.87 -16.03
C MET A 261 -25.55 7.05 -15.79
N GLU A 262 -26.80 6.78 -15.40
CA GLU A 262 -27.76 7.84 -15.21
C GLU A 262 -27.52 8.60 -13.91
N GLU A 263 -27.01 7.93 -12.88
CA GLU A 263 -26.95 8.52 -11.55
C GLU A 263 -25.53 8.74 -11.05
N LEU A 264 -24.65 7.73 -11.16
CA LEU A 264 -23.30 7.93 -10.66
C LEU A 264 -22.52 8.87 -11.57
N TYR A 265 -22.61 8.66 -12.88
CA TYR A 265 -21.76 9.42 -13.79
C TYR A 265 -21.93 10.93 -13.66
N PRO A 266 -23.15 11.48 -13.54
CA PRO A 266 -23.23 12.95 -13.36
C PRO A 266 -22.50 13.43 -12.12
N ARG A 267 -22.49 12.62 -11.05
CA ARG A 267 -21.71 13.00 -9.86
C ARG A 267 -20.21 12.96 -10.14
N LEU A 268 -19.74 11.91 -10.81
CA LEU A 268 -18.33 11.82 -11.13
C LEU A 268 -17.91 13.00 -12.02
N LYS A 269 -18.71 13.29 -13.04
CA LYS A 269 -18.41 14.44 -13.92
C LYS A 269 -18.36 15.74 -13.13
N SER A 270 -19.36 15.95 -12.27
CA SER A 270 -19.42 17.18 -11.49
C SER A 270 -18.16 17.38 -10.66
N LEU A 271 -17.72 16.32 -9.97
CA LEU A 271 -16.52 16.41 -9.14
C LEU A 271 -15.28 16.66 -9.99
N THR A 272 -15.20 16.01 -11.15
CA THR A 272 -14.00 16.15 -11.96
C THR A 272 -13.91 17.56 -12.56
N LEU A 273 -15.05 18.11 -12.98
CA LEU A 273 -15.07 19.50 -13.47
C LEU A 273 -14.61 20.47 -12.38
N LEU A 274 -15.04 20.23 -11.14
CA LEU A 274 -14.62 21.10 -10.04
C LEU A 274 -13.13 20.97 -9.77
N ALA A 275 -12.60 19.73 -9.77
CA ALA A 275 -11.16 19.56 -9.63
C ALA A 275 -10.42 20.29 -10.73
N ARG A 276 -10.94 20.23 -11.96
CA ARG A 276 -10.28 20.92 -13.07
C ARG A 276 -10.27 22.42 -12.86
N GLN A 277 -11.34 22.99 -12.29
CA GLN A 277 -11.36 24.44 -12.03
C GLN A 277 -10.26 24.85 -11.08
N TYR A 278 -9.93 23.98 -10.12
CA TYR A 278 -8.84 24.27 -9.19
C TYR A 278 -7.49 23.73 -9.66
N ASP A 279 -7.45 23.00 -10.77
CA ASP A 279 -6.23 22.37 -11.29
C ASP A 279 -5.58 21.44 -10.24
N ILE A 280 -6.40 20.55 -9.65
CA ILE A 280 -5.90 19.52 -8.76
C ILE A 280 -6.21 18.15 -9.37
N GLY A 281 -5.37 17.17 -9.08
CA GLY A 281 -5.61 15.83 -9.58
C GLY A 281 -6.77 15.20 -8.85
N ILE A 282 -7.57 14.42 -9.58
CA ILE A 282 -8.68 13.67 -8.99
C ILE A 282 -8.53 12.21 -9.41
N ASN A 283 -8.37 11.33 -8.42
CA ASN A 283 -8.00 9.94 -8.64
C ASN A 283 -9.17 9.03 -8.30
N ILE A 284 -9.48 8.10 -9.21
CA ILE A 284 -10.54 7.11 -9.00
C ILE A 284 -9.89 5.86 -8.42
N ASP A 285 -10.09 5.63 -7.12
CA ASP A 285 -9.58 4.43 -6.45
C ASP A 285 -10.16 3.16 -7.06
N ALA A 286 -9.39 2.06 -6.97
CA ALA A 286 -9.82 0.75 -7.46
C ALA A 286 -10.34 -0.09 -6.28
N GLU A 287 -11.48 -0.73 -6.48
CA GLU A 287 -12.12 -1.49 -5.41
C GLU A 287 -12.23 -2.95 -5.82
N GLU A 288 -13.37 -3.61 -5.58
CA GLU A 288 -13.44 -5.04 -5.83
C GLU A 288 -13.41 -5.36 -7.32
N SER A 289 -12.94 -6.57 -7.66
CA SER A 289 -12.65 -6.87 -9.05
C SER A 289 -13.91 -6.91 -9.92
N ASP A 290 -15.07 -7.22 -9.35
CA ASP A 290 -16.25 -7.26 -10.21
C ASP A 290 -16.76 -5.87 -10.58
N ARG A 291 -16.12 -4.80 -10.13
CA ARG A 291 -16.47 -3.44 -10.53
C ARG A 291 -15.49 -2.85 -11.52
N LEU A 292 -14.47 -3.61 -11.95
CA LEU A 292 -13.49 -3.07 -12.88
C LEU A 292 -14.14 -2.63 -14.18
N GLU A 293 -15.01 -3.47 -14.74
CA GLU A 293 -15.62 -3.18 -16.03
C GLU A 293 -16.41 -1.88 -15.99
N ILE A 294 -17.29 -1.72 -14.99
CA ILE A 294 -18.11 -0.51 -14.97
C ILE A 294 -17.25 0.72 -14.74
N SER A 295 -16.15 0.59 -13.99
CA SER A 295 -15.29 1.76 -13.80
C SER A 295 -14.60 2.16 -15.10
N LEU A 296 -14.31 1.20 -15.99
CA LEU A 296 -13.73 1.58 -17.28
C LEU A 296 -14.75 2.30 -18.16
N ASP A 297 -16.01 1.86 -18.12
CA ASP A 297 -17.06 2.55 -18.84
C ASP A 297 -17.21 3.99 -18.36
N LEU A 298 -17.18 4.20 -17.04
CA LEU A 298 -17.28 5.55 -16.51
C LEU A 298 -16.08 6.40 -16.92
N LEU A 299 -14.86 5.83 -16.80
CA LEU A 299 -13.66 6.55 -17.21
C LEU A 299 -13.70 6.92 -18.68
N GLU A 300 -14.15 5.99 -19.53
CA GLU A 300 -14.23 6.24 -20.97
C GLU A 300 -15.08 7.47 -21.26
N LYS A 301 -16.27 7.54 -20.66
CA LYS A 301 -17.17 8.66 -20.88
C LYS A 301 -16.56 9.96 -20.37
N LEU A 302 -15.94 9.90 -19.18
CA LEU A 302 -15.36 11.08 -18.56
C LEU A 302 -14.28 11.70 -19.43
N CYS A 303 -13.41 10.86 -20.01
CA CYS A 303 -12.27 11.38 -20.77
C CYS A 303 -12.69 12.12 -22.03
N PHE A 304 -13.94 11.99 -22.46
CA PHE A 304 -14.38 12.70 -23.66
C PHE A 304 -15.29 13.88 -23.36
N GLU A 305 -15.34 14.33 -22.11
CA GLU A 305 -16.11 15.53 -21.79
C GLU A 305 -15.42 16.77 -22.39
N PRO A 306 -16.12 17.60 -23.16
CA PRO A 306 -15.47 18.78 -23.75
C PRO A 306 -14.86 19.70 -22.72
N GLU A 307 -15.47 19.82 -21.54
CA GLU A 307 -14.92 20.75 -20.56
C GLU A 307 -13.63 20.24 -19.94
N LEU A 308 -13.26 18.98 -20.19
CA LEU A 308 -12.00 18.42 -19.72
C LEU A 308 -10.95 18.32 -20.83
N ALA A 309 -11.26 18.84 -22.01
CA ALA A 309 -10.30 18.78 -23.11
C ALA A 309 -9.01 19.51 -22.73
N GLY A 310 -7.88 18.88 -23.03
CA GLY A 310 -6.59 19.50 -22.77
C GLY A 310 -6.16 19.51 -21.33
N TRP A 311 -6.88 18.84 -20.43
CA TRP A 311 -6.55 18.81 -19.01
C TRP A 311 -6.16 17.39 -18.63
N ASN A 312 -5.06 17.26 -17.90
CA ASN A 312 -4.47 15.94 -17.64
C ASN A 312 -4.58 15.52 -16.18
N GLY A 313 -5.56 16.03 -15.45
CA GLY A 313 -5.66 15.72 -14.04
C GLY A 313 -6.48 14.51 -13.66
N ILE A 314 -7.05 13.79 -14.63
CA ILE A 314 -7.83 12.59 -14.30
C ILE A 314 -6.86 11.48 -13.93
N GLY A 315 -7.11 10.84 -12.78
CA GLY A 315 -6.29 9.72 -12.32
C GLY A 315 -7.13 8.47 -12.13
N PHE A 316 -6.47 7.32 -12.26
CA PHE A 316 -7.15 6.03 -12.24
C PHE A 316 -6.19 4.97 -11.69
N VAL A 317 -6.66 4.16 -10.72
CA VAL A 317 -5.85 3.10 -10.11
C VAL A 317 -6.04 1.80 -10.87
N ILE A 318 -4.94 1.07 -11.08
CA ILE A 318 -5.01 -0.30 -11.59
C ILE A 318 -4.25 -1.22 -10.64
N GLN A 319 -4.80 -2.43 -10.43
CA GLN A 319 -4.33 -3.37 -9.42
C GLN A 319 -3.57 -4.50 -10.08
N ALA A 320 -2.27 -4.58 -9.82
CA ALA A 320 -1.41 -5.59 -10.44
C ALA A 320 -1.71 -7.01 -9.96
N TYR A 321 -2.44 -7.19 -8.87
CA TYR A 321 -2.74 -8.57 -8.50
C TYR A 321 -3.82 -9.18 -9.38
N GLN A 322 -4.45 -8.39 -10.26
CA GLN A 322 -5.43 -8.92 -11.20
C GLN A 322 -4.77 -9.43 -12.45
N LYS A 323 -5.29 -10.55 -12.95
CA LYS A 323 -4.80 -11.07 -14.21
C LYS A 323 -5.10 -10.15 -15.38
N ARG A 324 -6.13 -9.32 -15.26
CA ARG A 324 -6.46 -8.38 -16.33
C ARG A 324 -5.55 -7.15 -16.40
N CYS A 325 -4.65 -6.92 -15.43
CA CYS A 325 -3.99 -5.61 -15.34
C CYS A 325 -3.23 -5.23 -16.61
N PRO A 326 -2.37 -6.09 -17.20
CA PRO A 326 -1.66 -5.66 -18.41
C PRO A 326 -2.59 -5.34 -19.56
N LEU A 327 -3.71 -6.05 -19.66
CA LEU A 327 -4.72 -5.76 -20.68
C LEU A 327 -5.42 -4.44 -20.39
N VAL A 328 -5.64 -4.11 -19.12
CA VAL A 328 -6.20 -2.79 -18.82
C VAL A 328 -5.24 -1.70 -19.25
N ILE A 329 -3.94 -1.95 -19.11
CA ILE A 329 -2.96 -0.94 -19.53
C ILE A 329 -3.04 -0.69 -21.03
N ASP A 330 -3.18 -1.75 -21.83
CA ASP A 330 -3.30 -1.54 -23.28
C ASP A 330 -4.53 -0.71 -23.60
N TYR A 331 -5.63 -0.96 -22.88
CA TYR A 331 -6.83 -0.15 -23.05
C TYR A 331 -6.58 1.31 -22.67
N LEU A 332 -5.90 1.54 -21.54
CA LEU A 332 -5.69 2.91 -21.07
C LEU A 332 -4.77 3.67 -22.02
N ILE A 333 -3.77 3.00 -22.55
CA ILE A 333 -2.90 3.61 -23.55
C ILE A 333 -3.70 4.05 -24.75
N ASP A 334 -4.58 3.18 -25.25
CA ASP A 334 -5.43 3.55 -26.38
C ASP A 334 -6.38 4.68 -26.01
N LEU A 335 -6.87 4.70 -24.77
CA LEU A 335 -7.82 5.74 -24.37
C LEU A 335 -7.12 7.09 -24.28
N ALA A 336 -5.92 7.14 -23.69
CA ALA A 336 -5.17 8.39 -23.67
C ALA A 336 -4.93 8.92 -25.08
N THR A 337 -4.63 8.03 -26.02
CA THR A 337 -4.41 8.48 -27.40
C THR A 337 -5.71 9.05 -27.99
N ARG A 338 -6.80 8.30 -27.89
CA ARG A 338 -8.06 8.71 -28.51
C ARG A 338 -8.61 9.99 -27.88
N SER A 339 -8.48 10.14 -26.57
CA SER A 339 -9.02 11.32 -25.88
C SER A 339 -8.01 12.43 -25.74
N ARG A 340 -6.79 12.25 -26.26
CA ARG A 340 -5.76 13.28 -26.35
C ARG A 340 -5.41 13.86 -24.99
N ARG A 341 -4.96 13.00 -24.08
CA ARG A 341 -4.58 13.45 -22.75
CA ARG A 341 -4.55 13.47 -22.77
C ARG A 341 -3.49 12.54 -22.21
N ARG A 342 -2.84 13.00 -21.17
CA ARG A 342 -1.95 12.18 -20.35
C ARG A 342 -2.76 11.76 -19.12
N LEU A 343 -2.94 10.46 -18.93
CA LEU A 343 -3.65 9.93 -17.77
C LEU A 343 -2.67 9.78 -16.60
N MET A 344 -3.12 10.11 -15.39
CA MET A 344 -2.35 9.82 -14.19
C MET A 344 -2.75 8.43 -13.73
N ILE A 345 -1.82 7.48 -13.74
CA ILE A 345 -2.16 6.09 -13.44
C ILE A 345 -1.42 5.65 -12.20
N ARG A 346 -2.16 5.30 -11.15
CA ARG A 346 -1.57 4.75 -9.94
C ARG A 346 -1.51 3.24 -10.11
N LEU A 347 -0.30 2.68 -10.13
CA LEU A 347 -0.13 1.24 -10.16
C LEU A 347 0.03 0.74 -8.73
N VAL A 348 -0.88 -0.12 -8.31
CA VAL A 348 -0.84 -0.71 -6.97
C VAL A 348 -0.81 -2.22 -7.12
N LYS A 349 -0.50 -2.91 -6.03
CA LYS A 349 -0.70 -4.36 -6.06
C LYS A 349 -2.18 -4.70 -5.81
N GLY A 350 -2.70 -4.34 -4.66
CA GLY A 350 -4.15 -4.39 -4.44
C GLY A 350 -4.46 -4.63 -2.97
N ALA A 351 -5.60 -4.08 -2.53
CA ALA A 351 -5.95 -4.06 -1.11
C ALA A 351 -7.01 -5.08 -0.70
N TYR A 352 -7.60 -5.81 -1.64
CA TYR A 352 -8.77 -6.63 -1.34
C TYR A 352 -8.52 -8.12 -1.53
N TRP A 353 -7.26 -8.57 -1.47
CA TRP A 353 -6.93 -9.93 -1.89
C TRP A 353 -7.72 -10.98 -1.09
N ASP A 354 -7.77 -10.82 0.24
CA ASP A 354 -8.44 -11.82 1.06
C ASP A 354 -9.91 -11.96 0.66
N SER A 355 -10.59 -10.83 0.41
CA SER A 355 -11.99 -10.88 0.01
C SER A 355 -12.16 -11.43 -1.39
N GLU A 356 -11.21 -11.14 -2.28
CA GLU A 356 -11.29 -11.65 -3.65
C GLU A 356 -11.22 -13.18 -3.67
N ILE A 357 -10.31 -13.76 -2.88
CA ILE A 357 -10.21 -15.22 -2.84
C ILE A 357 -11.52 -15.82 -2.35
N LYS A 358 -12.04 -15.31 -1.23
CA LYS A 358 -13.26 -15.84 -0.64
C LYS A 358 -14.44 -15.71 -1.59
N ARG A 359 -14.57 -14.55 -2.24
CA ARG A 359 -15.64 -14.33 -3.21
C ARG A 359 -15.59 -15.36 -4.34
N ALA A 360 -14.41 -15.59 -4.91
CA ALA A 360 -14.29 -16.54 -6.01
C ALA A 360 -14.62 -17.95 -5.55
N GLN A 361 -14.21 -18.31 -4.34
CA GLN A 361 -14.49 -19.65 -3.84
C GLN A 361 -15.99 -19.84 -3.62
N MET A 362 -16.69 -18.77 -3.25
CA MET A 362 -18.13 -18.87 -3.04
C MET A 362 -18.91 -18.91 -4.35
N ASP A 363 -18.38 -18.31 -5.42
CA ASP A 363 -19.08 -18.29 -6.70
C ASP A 363 -18.81 -19.51 -7.57
N GLY A 364 -17.85 -20.36 -7.19
CA GLY A 364 -17.59 -21.60 -7.92
C GLY A 364 -17.33 -21.45 -9.40
N LEU A 365 -16.57 -20.42 -9.81
CA LEU A 365 -16.29 -20.23 -11.22
C LEU A 365 -15.02 -20.98 -11.62
N GLU A 366 -14.55 -20.73 -12.85
CA GLU A 366 -13.45 -21.50 -13.41
C GLU A 366 -12.11 -21.17 -12.75
N GLY A 367 -11.98 -20.00 -12.14
CA GLY A 367 -10.71 -19.63 -11.55
C GLY A 367 -10.81 -18.36 -10.72
N TYR A 368 -9.67 -17.79 -10.44
CA TYR A 368 -9.58 -16.58 -9.65
C TYR A 368 -9.29 -15.39 -10.54
N PRO A 369 -9.80 -14.20 -10.20
CA PRO A 369 -9.41 -12.99 -10.96
C PRO A 369 -8.10 -12.40 -10.50
N VAL A 370 -7.56 -12.88 -9.39
CA VAL A 370 -6.30 -12.46 -8.81
C VAL A 370 -5.34 -13.65 -8.76
N TYR A 371 -4.06 -13.35 -8.64
CA TYR A 371 -3.05 -14.38 -8.41
C TYR A 371 -3.20 -14.94 -7.00
N THR A 372 -2.66 -16.16 -6.79
CA THR A 372 -2.76 -16.84 -5.49
C THR A 372 -1.44 -16.96 -4.76
N ARG A 373 -0.31 -16.68 -5.42
CA ARG A 373 0.99 -16.54 -4.77
C ARG A 373 1.46 -15.10 -4.83
N LYS A 374 1.95 -14.60 -3.71
CA LYS A 374 2.29 -13.19 -3.62
C LYS A 374 3.38 -12.83 -4.63
N VAL A 375 4.31 -13.74 -4.87
CA VAL A 375 5.41 -13.42 -5.78
C VAL A 375 4.90 -13.20 -7.22
N TYR A 376 3.77 -13.82 -7.58
CA TYR A 376 3.23 -13.57 -8.91
C TYR A 376 2.70 -12.14 -9.04
N THR A 377 2.06 -11.64 -7.98
CA THR A 377 1.66 -10.23 -7.99
C THR A 377 2.86 -9.31 -8.15
N ASP A 378 4.00 -9.67 -7.51
CA ASP A 378 5.22 -8.88 -7.66
C ASP A 378 5.71 -8.89 -9.11
N VAL A 379 5.66 -10.05 -9.77
CA VAL A 379 6.07 -10.14 -11.16
C VAL A 379 5.13 -9.30 -12.04
N SER A 380 3.83 -9.43 -11.80
CA SER A 380 2.84 -8.63 -12.53
C SER A 380 3.11 -7.13 -12.38
N TYR A 381 3.44 -6.68 -11.16
CA TYR A 381 3.69 -5.26 -10.95
C TYR A 381 4.89 -4.77 -11.77
N LEU A 382 5.98 -5.55 -11.79
CA LEU A 382 7.16 -5.14 -12.56
C LEU A 382 6.86 -5.11 -14.06
N ALA A 383 6.16 -6.13 -14.57
CA ALA A 383 5.81 -6.14 -15.98
C ALA A 383 4.93 -4.95 -16.32
N CYS A 384 3.94 -4.66 -15.48
CA CYS A 384 3.06 -3.52 -15.72
C CYS A 384 3.82 -2.21 -15.62
N ALA A 385 4.77 -2.10 -14.68
CA ALA A 385 5.54 -0.87 -14.54
C ALA A 385 6.32 -0.55 -15.80
N LYS A 386 6.93 -1.57 -16.41
CA LYS A 386 7.63 -1.36 -17.67
C LYS A 386 6.69 -0.86 -18.76
N LYS A 387 5.48 -1.43 -18.85
CA LYS A 387 4.53 -0.98 -19.86
C LYS A 387 4.17 0.49 -19.64
N LEU A 388 3.96 0.88 -18.38
CA LEU A 388 3.61 2.28 -18.11
C LEU A 388 4.76 3.22 -18.44
N LEU A 389 5.98 2.87 -18.04
CA LEU A 389 7.13 3.76 -18.26
C LEU A 389 7.45 3.94 -19.74
N ALA A 390 6.97 3.04 -20.60
CA ALA A 390 7.31 3.12 -22.01
C ALA A 390 6.56 4.22 -22.76
N VAL A 391 5.51 4.78 -22.17
CA VAL A 391 4.65 5.73 -22.88
C VAL A 391 4.51 7.04 -22.11
N PRO A 392 5.61 7.76 -21.84
CA PRO A 392 5.51 8.96 -21.00
C PRO A 392 4.65 10.07 -21.58
N ASN A 393 4.39 10.07 -22.89
CA ASN A 393 3.48 11.06 -23.44
C ASN A 393 2.01 10.76 -23.10
N LEU A 394 1.69 9.51 -22.77
CA LEU A 394 0.30 9.12 -22.55
C LEU A 394 -0.04 8.89 -21.09
N ILE A 395 0.95 8.58 -20.26
CA ILE A 395 0.70 8.16 -18.89
C ILE A 395 1.72 8.81 -17.96
N TYR A 396 1.24 9.33 -16.83
CA TYR A 396 2.11 9.71 -15.73
C TYR A 396 1.98 8.60 -14.71
N PRO A 397 2.96 7.70 -14.60
CA PRO A 397 2.82 6.57 -13.67
C PRO A 397 3.07 7.01 -12.25
N GLN A 398 2.26 6.48 -11.33
CA GLN A 398 2.38 6.76 -9.90
C GLN A 398 2.53 5.40 -9.22
N PHE A 399 3.73 5.13 -8.74
CA PHE A 399 4.10 3.79 -8.28
C PHE A 399 3.91 3.71 -6.77
N ALA A 400 2.76 3.19 -6.36
CA ALA A 400 2.43 3.04 -4.95
C ALA A 400 3.02 1.74 -4.42
N THR A 401 3.92 1.84 -3.43
CA THR A 401 4.48 0.65 -2.80
C THR A 401 5.22 1.04 -1.52
N HIS A 402 5.24 0.11 -0.55
CA HIS A 402 6.08 0.21 0.63
C HIS A 402 7.22 -0.81 0.60
N ASN A 403 7.43 -1.45 -0.55
CA ASN A 403 8.36 -2.57 -0.72
C ASN A 403 9.67 -2.02 -1.28
N ALA A 404 10.77 -2.24 -0.54
CA ALA A 404 12.06 -1.66 -0.92
C ALA A 404 12.57 -2.22 -2.25
N HIS A 405 12.33 -3.50 -2.52
CA HIS A 405 12.75 -4.04 -3.81
C HIS A 405 11.91 -3.45 -4.94
N THR A 406 10.58 -3.41 -4.78
CA THR A 406 9.72 -2.82 -5.81
C THR A 406 10.15 -1.40 -6.12
N LEU A 407 10.40 -0.61 -5.08
CA LEU A 407 10.83 0.77 -5.27
C LEU A 407 12.14 0.83 -6.04
N ALA A 408 13.14 0.03 -5.61
CA ALA A 408 14.45 0.05 -6.25
C ALA A 408 14.37 -0.43 -7.70
N ALA A 409 13.52 -1.43 -7.95
CA ALA A 409 13.35 -1.90 -9.32
C ALA A 409 12.80 -0.78 -10.20
N ILE A 410 11.75 -0.09 -9.72
CA ILE A 410 11.15 0.96 -10.54
C ILE A 410 12.15 2.08 -10.78
N TYR A 411 12.90 2.47 -9.73
CA TYR A 411 13.92 3.50 -9.87
C TYR A 411 14.92 3.18 -10.99
N GLN A 412 15.32 1.91 -11.11
CA GLN A 412 16.26 1.55 -12.17
C GLN A 412 15.55 1.40 -13.50
N LEU A 413 14.33 0.85 -13.52
CA LEU A 413 13.63 0.64 -14.78
C LEU A 413 13.26 1.95 -15.46
N ALA A 414 13.05 3.01 -14.68
CA ALA A 414 12.73 4.31 -15.28
C ALA A 414 13.91 4.91 -16.04
N GLY A 415 15.11 4.41 -15.85
CA GLY A 415 16.24 4.78 -16.69
C GLY A 415 17.00 5.99 -16.22
N GLN A 416 18.02 6.31 -17.00
CA GLN A 416 18.80 7.50 -16.76
C GLN A 416 17.96 8.72 -17.16
N ASN A 417 18.32 9.85 -16.55
CA ASN A 417 17.76 11.15 -16.93
C ASN A 417 16.34 11.32 -16.43
N TYR A 418 16.13 11.02 -15.15
CA TYR A 418 14.90 11.40 -14.48
C TYR A 418 14.59 12.88 -14.64
N TYR A 419 13.31 13.19 -14.77
CA TYR A 419 12.75 14.54 -14.67
C TYR A 419 11.47 14.43 -13.86
N PRO A 420 11.14 15.44 -13.05
CA PRO A 420 10.06 15.26 -12.03
C PRO A 420 8.74 14.72 -12.60
N GLY A 421 8.32 15.23 -13.77
CA GLY A 421 7.13 14.79 -14.46
C GLY A 421 7.22 13.45 -15.13
N GLN A 422 8.31 12.70 -14.92
CA GLN A 422 8.38 11.36 -15.50
C GLN A 422 7.49 10.39 -14.76
N TYR A 423 7.57 10.39 -13.43
CA TYR A 423 6.80 9.48 -12.57
C TYR A 423 6.95 9.99 -11.15
N GLU A 424 6.13 9.44 -10.25
CA GLU A 424 6.29 9.65 -8.81
C GLU A 424 6.04 8.32 -8.10
N PHE A 425 6.52 8.25 -6.87
CA PHE A 425 6.13 7.18 -5.96
C PHE A 425 4.91 7.63 -5.14
N GLN A 426 4.24 6.66 -4.50
CA GLN A 426 3.16 6.96 -3.57
C GLN A 426 3.22 6.00 -2.39
N CYS A 427 2.68 6.45 -1.24
CA CYS A 427 2.65 5.61 -0.06
C CYS A 427 1.45 5.96 0.80
N LEU A 428 1.09 5.07 1.73
CA LEU A 428 0.00 5.31 2.65
C LEU A 428 0.51 6.04 3.89
N HIS A 429 -0.25 7.03 4.34
CA HIS A 429 0.02 7.66 5.63
C HIS A 429 0.15 6.62 6.73
N GLY A 430 1.18 6.77 7.55
CA GLY A 430 1.40 5.82 8.62
C GLY A 430 2.13 4.56 8.22
N MET A 431 2.47 4.38 6.94
CA MET A 431 3.24 3.21 6.55
C MET A 431 4.50 3.58 5.78
N GLY A 432 4.46 4.69 5.03
CA GLY A 432 5.53 4.93 4.08
C GLY A 432 6.74 5.69 4.61
N GLU A 433 6.55 6.42 5.70
CA GLU A 433 7.55 7.41 6.13
C GLU A 433 8.97 6.86 6.25
N PRO A 434 9.22 5.72 6.91
CA PRO A 434 10.61 5.27 7.07
C PRO A 434 11.29 4.88 5.75
N LEU A 435 10.55 4.32 4.79
CA LEU A 435 11.16 4.05 3.50
C LEU A 435 11.38 5.34 2.73
N TYR A 436 10.36 6.18 2.65
CA TYR A 436 10.45 7.33 1.77
C TYR A 436 11.28 8.47 2.36
N GLU A 437 11.60 8.40 3.65
CA GLU A 437 12.57 9.34 4.21
C GLU A 437 13.93 9.20 3.53
N GLN A 438 14.24 8.02 2.99
CA GLN A 438 15.47 7.83 2.22
C GLN A 438 15.33 8.24 0.75
N VAL A 439 14.13 8.58 0.29
CA VAL A 439 13.84 8.69 -1.14
C VAL A 439 13.57 10.13 -1.54
N THR A 440 12.68 10.80 -0.83
CA THR A 440 12.26 12.15 -1.18
C THR A 440 13.14 13.16 -0.46
N GLY A 441 13.74 14.06 -1.21
CA GLY A 441 14.66 15.01 -0.64
C GLY A 441 15.91 15.12 -1.48
N LYS A 442 16.87 15.89 -0.97
CA LYS A 442 18.04 16.25 -1.76
C LYS A 442 19.07 15.13 -1.81
N VAL A 443 19.73 14.99 -2.96
CA VAL A 443 20.83 14.03 -3.05
C VAL A 443 21.92 14.40 -2.06
N ALA A 444 22.11 15.69 -1.80
CA ALA A 444 23.16 16.12 -0.87
C ALA A 444 22.87 15.65 0.55
N ASP A 445 21.60 15.43 0.88
CA ASP A 445 21.21 14.89 2.18
C ASP A 445 21.12 13.37 2.16
N GLY A 446 21.68 12.73 1.13
CA GLY A 446 21.68 11.29 1.06
C GLY A 446 20.40 10.66 0.56
N LYS A 447 19.49 11.43 -0.05
CA LYS A 447 18.24 10.89 -0.58
C LYS A 447 18.38 10.64 -2.09
N LEU A 448 17.37 9.96 -2.64
CA LEU A 448 17.33 9.68 -4.07
C LEU A 448 16.75 10.82 -4.91
N ASN A 449 16.12 11.82 -4.28
CA ASN A 449 15.51 12.93 -5.00
C ASN A 449 14.43 12.44 -5.96
N ARG A 450 13.50 11.63 -5.43
CA ARG A 450 12.32 11.27 -6.20
C ARG A 450 11.08 11.59 -5.38
N PRO A 451 10.05 12.17 -5.98
CA PRO A 451 8.88 12.60 -5.22
C PRO A 451 7.99 11.43 -4.83
N CYS A 452 7.31 11.61 -3.71
CA CYS A 452 6.37 10.63 -3.18
C CYS A 452 5.09 11.36 -2.77
N ARG A 453 3.94 10.84 -3.19
CA ARG A 453 2.64 11.42 -2.81
C ARG A 453 2.05 10.54 -1.71
N ILE A 454 1.72 11.14 -0.58
CA ILE A 454 1.16 10.45 0.57
C ILE A 454 -0.37 10.41 0.44
N TYR A 455 -0.94 9.21 0.48
CA TYR A 455 -2.37 9.01 0.51
C TYR A 455 -2.87 9.30 1.92
N ALA A 456 -3.74 10.29 2.06
CA ALA A 456 -4.06 10.86 3.38
C ALA A 456 -5.53 10.69 3.72
N PRO A 457 -5.89 9.65 4.48
CA PRO A 457 -7.30 9.47 4.86
C PRO A 457 -7.75 10.51 5.86
N VAL A 458 -9.00 10.96 5.70
CA VAL A 458 -9.59 12.02 6.51
C VAL A 458 -10.98 11.58 6.95
N GLY A 459 -11.25 11.61 8.24
CA GLY A 459 -12.58 11.31 8.72
C GLY A 459 -12.60 10.95 10.19
N THR A 460 -13.81 10.76 10.71
CA THR A 460 -14.02 10.37 12.09
C THR A 460 -14.20 8.85 12.19
N HIS A 461 -14.40 8.38 13.43
CA HIS A 461 -14.45 6.94 13.68
C HIS A 461 -15.56 6.26 12.89
N GLU A 462 -16.63 6.98 12.56
CA GLU A 462 -17.77 6.40 11.85
C GLU A 462 -17.44 5.98 10.41
N THR A 463 -16.30 6.39 9.88
CA THR A 463 -15.93 6.09 8.50
C THR A 463 -14.69 5.24 8.39
N LEU A 464 -14.15 4.77 9.51
CA LEU A 464 -12.80 4.20 9.51
C LEU A 464 -12.76 2.68 9.27
N LEU A 465 -13.85 1.97 9.55
CA LEU A 465 -13.76 0.52 9.75
C LEU A 465 -13.17 -0.21 8.55
N ALA A 466 -13.76 -0.03 7.37
CA ALA A 466 -13.34 -0.85 6.23
C ALA A 466 -11.87 -0.60 5.88
N TYR A 467 -11.46 0.65 5.89
CA TYR A 467 -10.08 0.98 5.57
C TYR A 467 -9.12 0.36 6.58
N LEU A 468 -9.43 0.50 7.86
CA LEU A 468 -8.59 -0.08 8.91
C LEU A 468 -8.44 -1.59 8.77
N VAL A 469 -9.55 -2.29 8.49
CA VAL A 469 -9.46 -3.73 8.30
C VAL A 469 -8.49 -4.07 7.18
N ARG A 470 -8.57 -3.35 6.05
CA ARG A 470 -7.63 -3.64 4.96
C ARG A 470 -6.19 -3.37 5.39
N ARG A 471 -5.96 -2.34 6.22
CA ARG A 471 -4.60 -2.10 6.71
C ARG A 471 -4.16 -3.22 7.64
N LEU A 472 -5.06 -3.72 8.49
CA LEU A 472 -4.68 -4.84 9.34
C LEU A 472 -4.27 -6.04 8.51
N LEU A 473 -5.02 -6.34 7.44
CA LEU A 473 -4.69 -7.49 6.61
C LEU A 473 -3.35 -7.30 5.93
N GLU A 474 -3.07 -6.06 5.50
CA GLU A 474 -1.82 -5.72 4.85
C GLU A 474 -0.63 -5.85 5.79
N ASN A 475 -0.74 -5.26 6.98
CA ASN A 475 0.38 -5.28 7.93
C ASN A 475 0.55 -6.61 8.63
N GLY A 476 -0.51 -7.41 8.76
CA GLY A 476 -0.41 -8.66 9.49
C GLY A 476 -0.06 -9.89 8.68
N ALA A 477 -0.04 -9.79 7.34
CA ALA A 477 0.21 -10.97 6.52
C ALA A 477 1.68 -11.31 6.51
N ASN A 478 2.03 -12.58 6.74
CA ASN A 478 3.45 -12.89 6.75
C ASN A 478 4.10 -12.77 5.38
N THR A 479 3.31 -12.60 4.30
CA THR A 479 3.85 -12.37 2.97
C THR A 479 4.14 -10.90 2.69
N SER A 480 3.71 -9.98 3.56
CA SER A 480 3.89 -8.56 3.27
C SER A 480 5.30 -8.12 3.59
N PHE A 481 5.88 -7.32 2.69
CA PHE A 481 7.20 -6.75 2.93
C PHE A 481 7.26 -6.07 4.29
N VAL A 482 6.24 -5.28 4.65
CA VAL A 482 6.31 -4.54 5.91
C VAL A 482 6.30 -5.50 7.10
N ASN A 483 5.72 -6.68 6.94
CA ASN A 483 5.75 -7.68 8.00
C ASN A 483 7.08 -8.42 8.01
N ARG A 484 7.59 -8.78 6.84
CA ARG A 484 8.84 -9.51 6.75
C ARG A 484 10.04 -8.67 7.15
N ILE A 485 10.04 -7.36 6.89
CA ILE A 485 11.22 -6.59 7.24
C ILE A 485 11.37 -6.48 8.76
N ALA A 486 10.27 -6.55 9.48
CA ALA A 486 10.29 -6.52 10.95
C ALA A 486 10.73 -7.85 11.55
N ASP A 487 10.94 -8.87 10.73
CA ASP A 487 11.38 -10.20 11.18
C ASP A 487 12.90 -10.27 11.02
N THR A 488 13.62 -9.90 12.08
CA THR A 488 15.09 -9.89 12.03
C THR A 488 15.69 -11.27 11.82
N SER A 489 14.91 -12.34 11.87
CA SER A 489 15.45 -13.66 11.54
C SER A 489 15.46 -13.94 10.05
N LEU A 490 14.84 -13.08 9.23
CA LEU A 490 14.82 -13.24 7.79
C LEU A 490 15.94 -12.40 7.18
N PRO A 491 16.91 -13.00 6.50
CA PRO A 491 18.06 -12.23 5.99
C PRO A 491 17.64 -11.20 4.95
N LEU A 492 18.35 -10.07 4.94
CA LEU A 492 18.05 -9.00 4.00
C LEU A 492 17.98 -9.50 2.56
N ASP A 493 18.88 -10.41 2.18
CA ASP A 493 18.93 -10.89 0.80
C ASP A 493 17.67 -11.64 0.41
N GLU A 494 17.10 -12.43 1.33
CA GLU A 494 15.81 -13.06 1.06
C GLU A 494 14.71 -12.02 0.98
N LEU A 495 14.77 -11.00 1.83
CA LEU A 495 13.73 -9.98 1.87
C LEU A 495 13.61 -9.25 0.54
N VAL A 496 14.74 -8.92 -0.09
CA VAL A 496 14.71 -8.14 -1.33
C VAL A 496 14.97 -9.02 -2.54
N ALA A 497 14.66 -10.31 -2.44
CA ALA A 497 14.92 -11.23 -3.53
C ALA A 497 14.13 -10.86 -4.78
N ASP A 498 14.76 -11.04 -5.94
CA ASP A 498 14.11 -10.71 -7.21
C ASP A 498 12.93 -11.64 -7.48
N PRO A 499 11.73 -11.11 -7.78
CA PRO A 499 10.55 -11.99 -7.92
C PRO A 499 10.60 -12.86 -9.16
N VAL A 500 11.18 -12.40 -10.28
CA VAL A 500 11.27 -13.25 -11.46
C VAL A 500 12.13 -14.48 -11.16
N THR A 501 13.28 -14.27 -10.51
CA THR A 501 14.13 -15.41 -10.14
C THR A 501 13.42 -16.32 -9.14
N ALA A 502 12.66 -15.75 -8.21
CA ALA A 502 11.90 -16.58 -7.28
C ALA A 502 10.90 -17.46 -8.01
N VAL A 503 10.25 -16.93 -9.06
CA VAL A 503 9.28 -17.73 -9.80
C VAL A 503 9.97 -18.85 -10.58
N GLU A 504 11.14 -18.57 -11.15
CA GLU A 504 11.86 -19.63 -11.85
C GLU A 504 12.35 -20.70 -10.89
N LYS A 505 12.71 -20.32 -9.67
CA LYS A 505 13.13 -21.33 -8.70
C LYS A 505 11.96 -22.24 -8.32
N LEU A 506 10.78 -21.66 -8.14
CA LEU A 506 9.58 -22.46 -7.90
C LEU A 506 9.30 -23.39 -9.06
N ALA A 507 9.47 -22.88 -10.29
CA ALA A 507 9.17 -23.68 -11.47
C ALA A 507 10.08 -24.87 -11.57
N GLN A 508 11.37 -24.67 -11.27
CA GLN A 508 12.32 -25.78 -11.33
C GLN A 508 12.00 -26.82 -10.26
N GLN A 509 11.53 -26.39 -9.09
CA GLN A 509 11.20 -27.34 -8.03
C GLN A 509 9.89 -28.08 -8.30
N GLU A 510 8.88 -27.38 -8.81
CA GLU A 510 7.53 -27.90 -8.90
C GLU A 510 7.19 -28.53 -10.24
N GLY A 511 7.93 -28.22 -11.30
CA GLY A 511 7.74 -28.89 -12.57
C GLY A 511 7.12 -28.03 -13.65
N GLN A 512 6.55 -26.87 -13.31
CA GLN A 512 6.12 -25.94 -14.33
C GLN A 512 5.92 -24.56 -13.73
N THR A 513 5.91 -23.55 -14.60
CA THR A 513 5.88 -22.18 -14.15
C THR A 513 4.47 -21.75 -13.78
N GLY A 514 4.35 -21.04 -12.67
CA GLY A 514 3.11 -20.37 -12.35
C GLY A 514 2.01 -21.24 -11.76
N LEU A 515 2.37 -22.33 -11.08
CA LEU A 515 1.36 -23.14 -10.41
C LEU A 515 0.67 -22.35 -9.30
N PRO A 516 -0.63 -22.53 -9.09
CA PRO A 516 -1.31 -21.85 -7.98
C PRO A 516 -0.73 -22.21 -6.63
N HIS A 517 -1.04 -21.38 -5.64
CA HIS A 517 -0.69 -21.66 -4.26
C HIS A 517 -1.19 -23.05 -3.88
N PRO A 518 -0.35 -23.91 -3.28
CA PRO A 518 -0.81 -25.26 -2.94
C PRO A 518 -1.99 -25.29 -1.98
N LYS A 519 -2.17 -24.25 -1.18
CA LYS A 519 -3.25 -24.19 -0.21
C LYS A 519 -4.48 -23.45 -0.75
N ILE A 520 -4.45 -23.04 -2.00
CA ILE A 520 -5.60 -22.36 -2.62
C ILE A 520 -5.98 -23.09 -3.91
N PRO A 521 -6.67 -24.22 -3.82
CA PRO A 521 -7.13 -24.90 -5.03
C PRO A 521 -8.17 -24.06 -5.77
N LEU A 522 -8.47 -24.50 -6.99
CA LEU A 522 -9.50 -23.86 -7.80
C LEU A 522 -10.86 -23.97 -7.10
N PRO A 523 -11.75 -22.97 -7.29
CA PRO A 523 -13.02 -22.97 -6.55
C PRO A 523 -13.86 -24.22 -6.75
N ARG A 524 -13.88 -24.78 -7.95
CA ARG A 524 -14.69 -25.96 -8.23
C ARG A 524 -14.11 -27.24 -7.64
N ASP A 525 -13.07 -27.14 -6.82
CA ASP A 525 -12.53 -28.32 -6.12
C ASP A 525 -12.93 -28.32 -4.65
#